data_3M7S
#
_entry.id   3M7S
#
_cell.length_a   42.800
_cell.length_b   65.600
_cell.length_c   49.420
_cell.angle_alpha   90.00
_cell.angle_beta   102.1
_cell.angle_gamma   90.00
#
_symmetry.space_group_name_H-M   'P 1 21 1'
#
loop_
_entity.id
_entity.type
_entity.pdbx_description
1 polymer Haementhin
2 branched beta-D-glucopyranose-(1-4)-beta-D-glucopyranose
3 non-polymer 'PHOSPHATE ION'
4 non-polymer 'ACETATE ION'
5 water water
#
_entity_poly.entity_id   1
_entity_poly.type   'polypeptide(L)'
_entity_poly.pdbx_seq_one_letter_code
;ANLDIAVYWGQNFDERSLEATCDTGNYAYVIIGFLNTFGGGQTPALDISGHSPSGLEPQIKHCQSKNVKVLLSIGGPKGP
YSLDSRSDANDLAVYLFNNFLLPPGHSENRPFGNAVLDGIDFHIEHGGPSQYQLLANILSSFRLAGTEFALTAAPQCVYP
DPNLGTVINSATFDAIWVQFYNNPQCSYSSGNAEALMNAWREWSMKARTKKVFLGFPAHPDAAGSGYMPPEKVKFHVFPA
AKKSYKFGGIMLWDSYWDTVSNFSSKILGEGW
;
_entity_poly.pdbx_strand_id   A
#
loop_
_chem_comp.id
_chem_comp.type
_chem_comp.name
_chem_comp.formula
ACT non-polymer 'ACETATE ION' 'C2 H3 O2 -1'
BGC D-saccharide, beta linking beta-D-glucopyranose 'C6 H12 O6'
PO4 non-polymer 'PHOSPHATE ION' 'O4 P -3'
#
# COMPACT_ATOMS: atom_id res chain seq x y z
N ALA A 1 19.91 -2.21 -11.38
CA ALA A 1 18.48 -1.89 -11.03
C ALA A 1 17.75 -3.02 -10.28
N ASN A 2 17.17 -3.95 -11.04
CA ASN A 2 16.38 -5.10 -10.54
C ASN A 2 15.23 -4.63 -9.64
N LEU A 3 14.41 -3.75 -10.20
CA LEU A 3 13.33 -3.11 -9.46
C LEU A 3 12.06 -3.83 -9.01
N ASP A 4 11.70 -3.61 -7.74
CA ASP A 4 10.48 -4.15 -7.17
C ASP A 4 9.47 -3.01 -7.21
N ILE A 5 8.31 -3.27 -7.80
CA ILE A 5 7.26 -2.27 -7.90
C ILE A 5 6.00 -2.75 -7.20
N ALA A 6 5.40 -1.87 -6.40
CA ALA A 6 4.18 -2.18 -5.70
C ALA A 6 3.09 -1.32 -6.35
N VAL A 7 1.91 -1.88 -6.55
CA VAL A 7 0.84 -1.13 -7.18
C VAL A 7 -0.50 -1.32 -6.49
N TYR A 8 -1.26 -0.23 -6.38
CA TYR A 8 -2.58 -0.29 -5.76
C TYR A 8 -3.59 -0.76 -6.78
N TRP A 9 -4.46 -1.66 -6.38
CA TRP A 9 -5.48 -2.18 -7.26
C TRP A 9 -6.85 -2.10 -6.59
N GLY A 10 -7.89 -1.96 -7.40
CA GLY A 10 -9.25 -1.90 -6.89
C GLY A 10 -9.88 -0.52 -6.97
N GLN A 11 -9.24 0.39 -7.70
CA GLN A 11 -9.75 1.75 -7.79
C GLN A 11 -10.75 2.06 -8.90
N ASN A 12 -11.02 1.10 -9.78
CA ASN A 12 -11.99 1.32 -10.85
C ASN A 12 -12.68 0.03 -11.30
N PHE A 13 -14.00 0.12 -11.48
CA PHE A 13 -14.79 -1.04 -11.90
C PHE A 13 -14.35 -1.57 -13.26
N ASP A 14 -13.90 -0.66 -14.11
CA ASP A 14 -13.47 -0.99 -15.47
C ASP A 14 -11.99 -1.31 -15.63
N GLU A 15 -11.24 -1.36 -14.55
CA GLU A 15 -9.81 -1.62 -14.65
C GLU A 15 -9.42 -3.05 -15.03
N ARG A 16 -8.18 -3.16 -15.48
CA ARG A 16 -7.58 -4.44 -15.83
C ARG A 16 -7.74 -5.31 -14.59
N SER A 17 -8.21 -6.55 -14.77
CA SER A 17 -8.43 -7.45 -13.65
C SER A 17 -7.17 -7.76 -12.84
N LEU A 18 -7.38 -8.20 -11.60
CA LEU A 18 -6.28 -8.54 -10.71
C LEU A 18 -5.36 -9.61 -11.29
N GLU A 19 -5.92 -10.65 -11.90
CA GLU A 19 -5.08 -11.69 -12.46
C GLU A 19 -4.30 -11.22 -13.68
N ALA A 20 -4.91 -10.36 -14.49
CA ALA A 20 -4.21 -9.84 -15.65
C ALA A 20 -3.15 -8.85 -15.16
N THR A 21 -3.44 -8.18 -14.05
CA THR A 21 -2.50 -7.22 -13.48
C THR A 21 -1.25 -7.97 -13.01
N CYS A 22 -1.43 -9.15 -12.42
CA CYS A 22 -0.28 -9.92 -11.96
C CYS A 22 0.45 -10.59 -13.10
N ASP A 23 -0.31 -10.96 -14.12
CA ASP A 23 0.28 -11.62 -15.27
C ASP A 23 1.24 -10.72 -16.04
N THR A 24 1.14 -9.40 -15.85
CA THR A 24 2.02 -8.48 -16.53
C THR A 24 3.49 -8.78 -16.18
N GLY A 25 3.72 -9.19 -14.94
CA GLY A 25 5.07 -9.50 -14.49
C GLY A 25 5.83 -8.26 -14.03
N ASN A 26 5.14 -7.14 -13.95
CA ASN A 26 5.74 -5.87 -13.54
C ASN A 26 5.81 -5.63 -12.05
N TYR A 27 4.98 -6.32 -11.30
CA TYR A 27 4.89 -6.07 -9.86
C TYR A 27 5.27 -7.17 -8.88
N ALA A 28 5.91 -6.78 -7.79
CA ALA A 28 6.26 -7.71 -6.73
C ALA A 28 5.09 -7.73 -5.73
N TYR A 29 4.41 -6.58 -5.61
CA TYR A 29 3.28 -6.45 -4.69
C TYR A 29 2.06 -5.81 -5.33
N VAL A 30 0.88 -6.37 -5.04
CA VAL A 30 -0.36 -5.80 -5.52
C VAL A 30 -1.18 -5.54 -4.26
N ILE A 31 -1.60 -4.28 -4.08
CA ILE A 31 -2.35 -3.90 -2.90
C ILE A 31 -3.81 -3.58 -3.21
N ILE A 32 -4.71 -4.38 -2.66
CA ILE A 32 -6.12 -4.20 -2.88
C ILE A 32 -6.72 -3.19 -1.92
N GLY A 33 -7.36 -2.18 -2.45
CA GLY A 33 -7.96 -1.13 -1.69
C GLY A 33 -9.40 -0.95 -2.04
N PHE A 34 -10.24 -0.61 -1.09
CA PHE A 34 -9.91 -0.32 0.29
C PHE A 34 -10.92 -0.89 1.27
N LEU A 35 -10.51 -1.21 2.49
CA LEU A 35 -11.47 -1.59 3.54
C LEU A 35 -11.60 -0.21 4.15
N ASN A 36 -12.55 0.57 3.63
CA ASN A 36 -12.72 1.97 4.06
C ASN A 36 -13.80 2.27 5.09
N THR A 37 -14.41 1.24 5.64
CA THR A 37 -15.44 1.44 6.64
C THR A 37 -15.21 0.56 7.85
N PHE A 38 -14.98 1.21 8.99
CA PHE A 38 -14.78 0.54 10.27
C PHE A 38 -14.80 1.54 11.42
N GLY A 39 -15.02 1.02 12.62
CA GLY A 39 -15.05 1.85 13.82
C GLY A 39 -16.27 2.76 13.93
N GLY A 40 -16.47 3.30 15.12
CA GLY A 40 -17.58 4.22 15.36
C GLY A 40 -18.94 3.56 15.40
N GLY A 41 -18.96 2.27 15.71
CA GLY A 41 -20.20 1.53 15.75
C GLY A 41 -20.50 0.86 14.41
N GLN A 42 -19.68 1.16 13.42
CA GLN A 42 -19.86 0.59 12.08
C GLN A 42 -19.29 -0.80 11.85
N THR A 43 -19.99 -1.55 11.02
CA THR A 43 -19.53 -2.88 10.64
C THR A 43 -18.51 -2.63 9.52
N PRO A 44 -17.44 -3.44 9.47
CA PRO A 44 -16.41 -3.28 8.42
C PRO A 44 -16.97 -3.51 7.03
N ALA A 45 -16.55 -2.69 6.08
CA ALA A 45 -17.01 -2.83 4.71
C ALA A 45 -15.91 -2.47 3.72
N LEU A 46 -16.01 -3.07 2.54
CA LEU A 46 -15.04 -2.83 1.49
C LEU A 46 -15.58 -1.92 0.41
N ASP A 47 -14.69 -1.12 -0.14
CA ASP A 47 -15.04 -0.30 -1.28
C ASP A 47 -13.93 -0.62 -2.25
N ILE A 48 -14.19 -1.60 -3.11
CA ILE A 48 -13.25 -2.00 -4.14
C ILE A 48 -13.87 -1.70 -5.52
N SER A 49 -14.53 -0.55 -5.60
CA SER A 49 -15.16 -0.07 -6.81
C SER A 49 -16.08 -1.04 -7.56
N GLY A 50 -16.88 -1.79 -6.80
CA GLY A 50 -17.83 -2.70 -7.43
C GLY A 50 -17.33 -4.04 -7.93
N HIS A 51 -16.08 -4.37 -7.68
CA HIS A 51 -15.59 -5.68 -8.10
C HIS A 51 -16.20 -6.66 -7.12
N SER A 52 -16.48 -7.87 -7.59
CA SER A 52 -17.04 -8.89 -6.71
C SER A 52 -15.94 -9.43 -5.81
N PRO A 53 -16.10 -9.25 -4.48
CA PRO A 53 -15.10 -9.72 -3.52
C PRO A 53 -14.88 -11.22 -3.58
N SER A 54 -15.96 -11.97 -3.79
CA SER A 54 -15.87 -13.43 -3.87
C SER A 54 -15.18 -13.82 -5.18
N GLY A 55 -15.39 -12.99 -6.21
CA GLY A 55 -14.80 -13.25 -7.49
C GLY A 55 -13.27 -13.11 -7.50
N LEU A 56 -12.74 -12.41 -6.50
CA LEU A 56 -11.29 -12.20 -6.42
C LEU A 56 -10.53 -13.40 -5.85
N GLU A 57 -11.23 -14.37 -5.28
CA GLU A 57 -10.61 -15.55 -4.70
C GLU A 57 -9.64 -16.29 -5.63
N PRO A 58 -10.10 -16.69 -6.84
CA PRO A 58 -9.22 -17.41 -7.77
C PRO A 58 -8.09 -16.53 -8.31
N GLN A 59 -8.36 -15.23 -8.42
CA GLN A 59 -7.37 -14.27 -8.92
C GLN A 59 -6.24 -14.05 -7.93
N ILE A 60 -6.57 -13.95 -6.65
CA ILE A 60 -5.58 -13.76 -5.61
C ILE A 60 -4.67 -14.99 -5.58
N LYS A 61 -5.27 -16.18 -5.73
CA LYS A 61 -4.51 -17.43 -5.72
C LYS A 61 -3.57 -17.53 -6.92
N HIS A 62 -4.06 -17.10 -8.07
CA HIS A 62 -3.25 -17.12 -9.28
C HIS A 62 -2.09 -16.14 -9.14
N CYS A 63 -2.37 -14.96 -8.58
CA CYS A 63 -1.34 -13.97 -8.38
C CYS A 63 -0.23 -14.53 -7.48
N GLN A 64 -0.63 -15.22 -6.42
CA GLN A 64 0.33 -15.79 -5.48
C GLN A 64 1.12 -16.96 -6.08
N SER A 65 0.48 -17.72 -6.95
CA SER A 65 1.13 -18.84 -7.60
C SER A 65 2.22 -18.32 -8.54
N LYS A 66 2.14 -17.05 -8.90
CA LYS A 66 3.14 -16.43 -9.76
C LYS A 66 4.11 -15.58 -8.94
N ASN A 67 4.15 -15.85 -7.63
CA ASN A 67 5.04 -15.15 -6.71
C ASN A 67 4.79 -13.64 -6.53
N VAL A 68 3.54 -13.23 -6.69
CA VAL A 68 3.18 -11.84 -6.48
C VAL A 68 2.45 -11.81 -5.13
N LYS A 69 2.90 -10.93 -4.25
CA LYS A 69 2.28 -10.80 -2.94
C LYS A 69 1.04 -9.91 -2.99
N VAL A 70 -0.04 -10.40 -2.41
CA VAL A 70 -1.31 -9.68 -2.38
C VAL A 70 -1.66 -9.17 -0.99
N LEU A 71 -1.81 -7.86 -0.88
CA LEU A 71 -2.11 -7.19 0.39
C LEU A 71 -3.49 -6.51 0.40
N LEU A 72 -4.07 -6.35 1.60
CA LEU A 72 -5.34 -5.66 1.77
C LEU A 72 -5.01 -4.35 2.45
N SER A 73 -5.50 -3.26 1.90
CA SER A 73 -5.24 -1.96 2.48
C SER A 73 -6.43 -1.48 3.29
N ILE A 74 -6.18 -1.06 4.52
CA ILE A 74 -7.25 -0.54 5.36
C ILE A 74 -7.24 1.00 5.34
N GLY A 75 -8.43 1.58 5.44
CA GLY A 75 -8.55 3.03 5.43
C GLY A 75 -8.73 3.52 4.01
N GLY A 76 -7.78 4.32 3.52
CA GLY A 76 -7.86 4.84 2.18
C GLY A 76 -7.95 6.35 2.11
N PRO A 77 -7.99 6.94 0.90
CA PRO A 77 -8.07 8.39 0.69
C PRO A 77 -9.32 8.99 1.30
N LYS A 78 -10.41 8.25 1.20
CA LYS A 78 -11.70 8.70 1.69
C LYS A 78 -12.46 7.54 2.33
N GLY A 79 -13.38 7.88 3.23
CA GLY A 79 -14.15 6.83 3.88
C GLY A 79 -14.50 7.17 5.31
N PRO A 80 -15.60 6.59 5.83
CA PRO A 80 -16.04 6.84 7.19
C PRO A 80 -15.35 5.89 8.18
N TYR A 81 -14.02 5.81 8.09
CA TYR A 81 -13.29 4.95 8.98
C TYR A 81 -12.64 5.70 10.14
N SER A 82 -12.61 5.06 11.30
CA SER A 82 -12.00 5.63 12.51
C SER A 82 -11.74 4.52 13.52
N LEU A 83 -10.70 4.69 14.33
CA LEU A 83 -10.36 3.75 15.38
C LEU A 83 -10.17 4.57 16.65
N ASP A 84 -11.23 5.21 17.11
CA ASP A 84 -11.12 6.03 18.30
C ASP A 84 -10.99 5.29 19.63
N SER A 85 -11.58 4.09 19.75
CA SER A 85 -11.49 3.38 21.02
C SER A 85 -10.62 2.13 20.97
N ARG A 86 -10.25 1.65 22.16
CA ARG A 86 -9.43 0.45 22.31
C ARG A 86 -10.17 -0.78 21.81
N SER A 87 -11.49 -0.80 22.02
CA SER A 87 -12.31 -1.93 21.59
C SER A 87 -12.35 -2.01 20.06
N ASP A 88 -12.35 -0.86 19.42
CA ASP A 88 -12.35 -0.79 17.96
C ASP A 88 -11.07 -1.40 17.37
N ALA A 89 -9.94 -1.10 18.00
CA ALA A 89 -8.66 -1.64 17.55
C ALA A 89 -8.64 -3.16 17.68
N ASN A 90 -9.12 -3.65 18.82
CA ASN A 90 -9.18 -5.08 19.10
C ASN A 90 -10.17 -5.79 18.18
N ASP A 91 -11.33 -5.18 17.93
CA ASP A 91 -12.32 -5.78 17.06
C ASP A 91 -11.84 -5.93 15.61
N LEU A 92 -11.23 -4.87 15.10
CA LEU A 92 -10.71 -4.89 13.73
C LEU A 92 -9.51 -5.83 13.57
N ALA A 93 -8.67 -5.92 14.60
CA ALA A 93 -7.50 -6.81 14.54
C ALA A 93 -7.94 -8.25 14.46
N VAL A 94 -8.93 -8.62 15.27
CA VAL A 94 -9.45 -9.98 15.29
C VAL A 94 -10.17 -10.33 13.97
N TYR A 95 -10.91 -9.36 13.44
CA TYR A 95 -11.65 -9.54 12.21
C TYR A 95 -10.74 -9.68 10.99
N LEU A 96 -9.66 -8.91 10.94
CA LEU A 96 -8.73 -8.99 9.81
C LEU A 96 -7.96 -10.32 9.85
N PHE A 97 -7.67 -10.77 11.06
CA PHE A 97 -6.95 -12.01 11.25
C PHE A 97 -7.72 -13.26 10.80
N ASN A 98 -8.97 -13.39 11.24
CA ASN A 98 -9.80 -14.54 10.91
C ASN A 98 -10.17 -14.61 9.44
N ASN A 99 -10.61 -13.48 8.91
CA ASN A 99 -11.12 -13.41 7.56
C ASN A 99 -10.18 -13.21 6.39
N PHE A 100 -8.95 -12.82 6.65
CA PHE A 100 -8.01 -12.55 5.56
C PHE A 100 -6.64 -13.18 5.70
N LEU A 101 -6.17 -13.25 6.93
CA LEU A 101 -4.82 -13.75 7.19
C LEU A 101 -4.68 -15.22 7.61
N LEU A 102 -5.79 -15.87 7.92
CA LEU A 102 -5.77 -17.28 8.30
C LEU A 102 -6.60 -18.06 7.33
N PRO A 103 -6.33 -19.38 7.26
CA PRO A 103 -7.10 -20.25 6.38
C PRO A 103 -8.44 -20.41 7.07
N PRO A 104 -9.47 -20.72 6.33
CA PRO A 104 -10.77 -20.81 6.94
C PRO A 104 -10.91 -21.96 7.93
N GLY A 105 -11.69 -21.77 8.98
CA GLY A 105 -11.92 -22.87 9.89
C GLY A 105 -13.01 -23.79 9.34
N HIS A 106 -14.17 -23.18 9.10
CA HIS A 106 -15.34 -23.78 8.49
C HIS A 106 -15.85 -23.02 7.28
N SER A 107 -15.71 -21.72 7.45
CA SER A 107 -16.46 -20.55 7.07
C SER A 107 -16.86 -19.98 5.71
N GLU A 108 -18.15 -19.72 5.69
CA GLU A 108 -18.91 -18.95 4.64
C GLU A 108 -18.82 -17.44 4.82
N ASN A 109 -18.22 -17.03 5.93
CA ASN A 109 -18.10 -15.61 6.28
C ASN A 109 -17.17 -14.70 5.49
N ARG A 110 -16.07 -15.27 5.06
CA ARG A 110 -15.03 -14.48 4.46
C ARG A 110 -15.22 -13.83 3.05
N PRO A 111 -15.04 -12.51 3.00
CA PRO A 111 -15.20 -11.76 1.79
C PRO A 111 -14.50 -12.28 0.55
N PHE A 112 -13.26 -12.68 0.69
CA PHE A 112 -12.49 -13.18 -0.47
C PHE A 112 -12.49 -14.70 -0.51
N GLY A 113 -13.45 -15.28 0.18
CA GLY A 113 -13.55 -16.73 0.23
C GLY A 113 -12.40 -17.39 0.97
N ASN A 114 -11.79 -18.38 0.34
CA ASN A 114 -10.71 -19.14 0.96
C ASN A 114 -9.31 -18.61 0.68
N ALA A 115 -9.23 -17.40 0.15
CA ALA A 115 -7.94 -16.81 -0.15
C ALA A 115 -7.30 -16.38 1.17
N VAL A 116 -5.98 -16.55 1.28
CA VAL A 116 -5.26 -16.11 2.46
C VAL A 116 -4.31 -15.04 1.95
N LEU A 117 -4.52 -13.81 2.42
CA LEU A 117 -3.71 -12.68 2.00
C LEU A 117 -2.29 -12.67 2.58
N ASP A 118 -1.38 -11.98 1.92
CA ASP A 118 0.01 -11.91 2.37
C ASP A 118 0.30 -10.75 3.32
N GLY A 119 -0.70 -9.91 3.59
CA GLY A 119 -0.49 -8.80 4.50
C GLY A 119 -1.57 -7.74 4.56
N ILE A 120 -1.32 -6.74 5.41
CA ILE A 120 -2.22 -5.62 5.64
C ILE A 120 -1.48 -4.30 5.37
N ASP A 121 -2.12 -3.40 4.63
CA ASP A 121 -1.54 -2.10 4.33
C ASP A 121 -2.28 -1.01 5.09
N PHE A 122 -1.54 -0.21 5.86
CA PHE A 122 -2.13 0.90 6.62
C PHE A 122 -2.08 2.13 5.73
N HIS A 123 -3.24 2.50 5.18
CA HIS A 123 -3.34 3.68 4.32
C HIS A 123 -4.25 4.66 5.03
N ILE A 124 -3.88 5.01 6.26
CA ILE A 124 -4.64 5.92 7.10
C ILE A 124 -4.34 7.38 6.77
N GLU A 125 -5.34 8.09 6.24
CA GLU A 125 -5.12 9.49 5.88
C GLU A 125 -5.84 10.51 6.75
N HIS A 126 -6.65 10.05 7.70
CA HIS A 126 -7.32 10.95 8.63
C HIS A 126 -7.60 10.23 9.94
N GLY A 127 -7.77 11.01 11.01
CA GLY A 127 -8.08 10.42 12.30
C GLY A 127 -6.97 10.49 13.34
N GLY A 128 -5.79 10.94 12.94
CA GLY A 128 -4.68 11.04 13.88
C GLY A 128 -4.16 9.66 14.19
N PRO A 129 -3.27 9.55 15.14
CA PRO A 129 -2.69 8.28 15.54
C PRO A 129 -3.70 7.36 16.16
N SER A 130 -4.60 7.88 16.98
CA SER A 130 -5.66 7.14 17.59
C SER A 130 -5.17 5.90 18.27
N GLN A 131 -5.81 4.82 17.94
CA GLN A 131 -5.49 3.54 18.45
C GLN A 131 -4.81 2.69 17.40
N TYR A 132 -4.25 3.31 16.40
CA TYR A 132 -3.57 2.57 15.34
C TYR A 132 -2.30 1.86 15.85
N GLN A 133 -1.73 2.37 16.94
CA GLN A 133 -0.57 1.75 17.55
C GLN A 133 -1.05 0.43 18.16
N LEU A 134 -2.17 0.47 18.87
CA LEU A 134 -2.73 -0.74 19.50
C LEU A 134 -3.11 -1.78 18.46
N LEU A 135 -3.74 -1.34 17.37
CA LEU A 135 -4.13 -2.26 16.30
C LEU A 135 -2.89 -2.98 15.75
N ALA A 136 -1.86 -2.21 15.42
CA ALA A 136 -0.62 -2.78 14.90
C ALA A 136 0.04 -3.76 15.88
N ASN A 137 -0.07 -3.47 17.18
CA ASN A 137 0.51 -4.33 18.22
C ASN A 137 -0.11 -5.70 18.24
N ILE A 138 -1.42 -5.75 18.07
CA ILE A 138 -2.14 -7.02 18.08
C ILE A 138 -1.85 -7.79 16.80
N LEU A 139 -1.80 -7.08 15.67
CA LEU A 139 -1.51 -7.74 14.39
C LEU A 139 -0.08 -8.26 14.44
N SER A 140 0.80 -7.47 15.04
CA SER A 140 2.19 -7.86 15.18
C SER A 140 2.31 -9.08 16.10
N SER A 141 1.43 -9.15 17.09
CA SER A 141 1.41 -10.26 18.03
C SER A 141 1.03 -11.57 17.31
N PHE A 142 0.05 -11.48 16.42
CA PHE A 142 -0.41 -12.64 15.65
C PHE A 142 0.68 -13.15 14.72
N ARG A 143 1.48 -12.22 14.21
CA ARG A 143 2.57 -12.53 13.31
C ARG A 143 3.63 -13.31 14.09
N LEU A 144 3.72 -13.02 15.39
CA LEU A 144 4.66 -13.69 16.28
C LEU A 144 4.11 -15.04 16.74
N ALA A 145 2.83 -15.29 16.45
CA ALA A 145 2.18 -16.53 16.87
C ALA A 145 2.19 -17.60 15.79
N GLY A 146 2.90 -17.35 14.70
CA GLY A 146 3.00 -18.35 13.64
C GLY A 146 2.39 -18.00 12.30
N THR A 147 1.48 -17.04 12.27
CA THR A 147 0.85 -16.60 11.03
C THR A 147 1.80 -15.59 10.42
N GLU A 148 2.50 -15.98 9.37
CA GLU A 148 3.45 -15.04 8.78
C GLU A 148 2.84 -14.20 7.67
N PHE A 149 2.84 -12.89 7.90
CA PHE A 149 2.30 -11.93 6.94
C PHE A 149 3.06 -10.62 7.13
N ALA A 150 2.87 -9.69 6.20
CA ALA A 150 3.57 -8.41 6.27
C ALA A 150 2.68 -7.26 6.69
N LEU A 151 3.28 -6.28 7.36
CA LEU A 151 2.54 -5.08 7.74
C LEU A 151 3.23 -3.92 7.02
N THR A 152 2.44 -3.15 6.28
CA THR A 152 2.98 -2.01 5.55
C THR A 152 2.15 -0.77 5.82
N ALA A 153 2.70 0.38 5.45
CA ALA A 153 2.02 1.65 5.62
C ALA A 153 2.33 2.57 4.45
N ALA A 154 1.40 3.45 4.13
CA ALA A 154 1.55 4.40 3.03
C ALA A 154 1.33 5.83 3.56
N PRO A 155 2.35 6.40 4.24
CA PRO A 155 2.27 7.75 4.80
C PRO A 155 2.40 8.83 3.73
N GLN A 156 2.02 10.05 4.08
CA GLN A 156 2.17 11.16 3.16
C GLN A 156 3.64 11.56 3.23
N CYS A 157 4.08 12.38 2.29
CA CYS A 157 5.49 12.76 2.24
C CYS A 157 6.08 13.67 3.32
N VAL A 158 5.24 14.28 4.14
CA VAL A 158 5.76 15.14 5.19
C VAL A 158 6.10 14.27 6.38
N TYR A 159 7.31 14.44 6.89
CA TYR A 159 7.80 13.68 8.03
C TYR A 159 7.90 14.58 9.26
N PRO A 160 7.41 14.10 10.43
CA PRO A 160 6.73 12.80 10.60
C PRO A 160 5.29 12.83 10.11
N ASP A 161 4.74 11.69 9.74
CA ASP A 161 3.37 11.66 9.26
C ASP A 161 2.40 11.90 10.41
N PRO A 162 1.49 12.87 10.26
CA PRO A 162 0.51 13.22 11.30
C PRO A 162 -0.38 12.06 11.75
N ASN A 163 -0.67 11.14 10.85
CA ASN A 163 -1.55 10.02 11.18
C ASN A 163 -0.83 8.73 11.58
N LEU A 164 0.32 8.45 10.96
CA LEU A 164 1.04 7.21 11.24
C LEU A 164 2.42 7.36 11.88
N GLY A 165 2.88 8.60 12.01
CA GLY A 165 4.19 8.90 12.57
C GLY A 165 4.61 8.14 13.82
N THR A 166 3.77 8.18 14.85
CA THR A 166 4.07 7.51 16.10
C THR A 166 4.06 5.99 15.94
N VAL A 167 3.21 5.48 15.07
CA VAL A 167 3.15 4.05 14.84
C VAL A 167 4.37 3.55 14.06
N ILE A 168 4.83 4.33 13.08
CA ILE A 168 6.01 3.96 12.31
C ILE A 168 7.24 3.93 13.22
N ASN A 169 7.27 4.83 14.20
CA ASN A 169 8.39 4.90 15.15
C ASN A 169 8.56 3.62 15.99
N SER A 170 7.53 2.78 16.03
CA SER A 170 7.59 1.54 16.81
C SER A 170 8.32 0.45 16.04
N ALA A 171 8.68 0.75 14.79
CA ALA A 171 9.41 -0.16 13.88
C ALA A 171 8.63 -1.41 13.49
N THR A 172 7.31 -1.36 13.62
CA THR A 172 6.48 -2.52 13.32
C THR A 172 6.30 -2.86 11.83
N PHE A 173 6.47 -1.87 10.95
CA PHE A 173 6.30 -2.09 9.52
C PHE A 173 7.49 -2.68 8.79
N ASP A 174 7.19 -3.66 7.94
CA ASP A 174 8.21 -4.34 7.15
C ASP A 174 8.60 -3.45 5.96
N ALA A 175 7.61 -2.76 5.41
CA ALA A 175 7.86 -1.87 4.30
C ALA A 175 6.97 -0.65 4.38
N ILE A 176 7.48 0.46 3.85
CA ILE A 176 6.77 1.71 3.84
C ILE A 176 6.85 2.28 2.42
N TRP A 177 5.73 2.76 1.89
CA TRP A 177 5.74 3.42 0.59
C TRP A 177 5.20 4.82 0.83
N VAL A 178 6.11 5.79 0.79
CA VAL A 178 5.79 7.18 1.01
C VAL A 178 5.13 7.75 -0.24
N GLN A 179 4.01 8.44 -0.04
CA GLN A 179 3.29 9.04 -1.16
C GLN A 179 3.96 10.36 -1.52
N PHE A 180 4.73 10.36 -2.59
CA PHE A 180 5.38 11.59 -3.02
C PHE A 180 4.52 12.24 -4.10
N TYR A 181 3.28 12.54 -3.73
CA TYR A 181 2.33 13.22 -4.59
C TYR A 181 1.26 13.93 -3.75
N ASN A 182 0.49 14.79 -4.41
CA ASN A 182 -0.58 15.57 -3.77
C ASN A 182 -0.15 16.50 -2.64
N ASN A 183 1.13 16.88 -2.61
CA ASN A 183 1.65 17.79 -1.60
C ASN A 183 2.94 18.40 -2.13
N PRO A 184 2.88 19.65 -2.62
CA PRO A 184 4.05 20.36 -3.17
C PRO A 184 5.24 20.54 -2.23
N GLN A 185 5.01 20.44 -0.93
CA GLN A 185 6.10 20.63 0.04
C GLN A 185 7.13 19.52 -0.03
N CYS A 186 6.73 18.35 -0.51
CA CYS A 186 7.65 17.22 -0.54
C CYS A 186 7.60 16.33 -1.78
N SER A 187 6.95 16.82 -2.83
CA SER A 187 6.89 16.05 -4.06
C SER A 187 7.42 16.87 -5.22
N TYR A 188 7.49 16.23 -6.38
CA TYR A 188 8.01 16.84 -7.58
C TYR A 188 7.06 17.87 -8.20
N SER A 189 7.58 19.07 -8.46
CA SER A 189 6.79 20.11 -9.10
C SER A 189 7.65 21.06 -9.89
N SER A 190 7.05 21.62 -10.93
CA SER A 190 7.69 22.62 -11.79
C SER A 190 9.16 22.39 -12.18
N GLY A 191 9.47 21.21 -12.69
CA GLY A 191 10.85 20.93 -13.08
C GLY A 191 11.81 21.14 -11.91
N ASN A 192 11.32 20.88 -10.70
CA ASN A 192 12.13 21.04 -9.49
C ASN A 192 11.95 19.86 -8.55
N ALA A 193 13.02 19.07 -8.39
CA ALA A 193 12.98 17.89 -7.53
C ALA A 193 13.55 18.16 -6.14
N GLU A 194 14.00 19.39 -5.90
CA GLU A 194 14.59 19.73 -4.60
C GLU A 194 13.75 19.33 -3.39
N ALA A 195 12.48 19.70 -3.41
CA ALA A 195 11.55 19.38 -2.32
C ALA A 195 11.40 17.86 -2.15
N LEU A 196 11.38 17.14 -3.28
CA LEU A 196 11.26 15.69 -3.28
C LEU A 196 12.56 15.04 -2.78
N MET A 197 13.70 15.52 -3.27
CA MET A 197 14.98 14.98 -2.87
C MET A 197 15.26 15.16 -1.38
N ASN A 198 14.80 16.28 -0.82
CA ASN A 198 15.01 16.53 0.60
C ASN A 198 14.05 15.70 1.45
N ALA A 199 12.85 15.44 0.94
CA ALA A 199 11.89 14.63 1.69
C ALA A 199 12.41 13.19 1.72
N TRP A 200 12.93 12.72 0.59
CA TRP A 200 13.43 11.38 0.51
C TRP A 200 14.59 11.10 1.46
N ARG A 201 15.52 12.05 1.57
CA ARG A 201 16.66 11.91 2.47
C ARG A 201 16.21 11.75 3.90
N GLU A 202 15.16 12.50 4.26
CA GLU A 202 14.63 12.43 5.61
C GLU A 202 13.98 11.09 5.91
N TRP A 203 13.16 10.60 4.98
CA TRP A 203 12.49 9.32 5.19
C TRP A 203 13.45 8.13 5.17
N SER A 204 14.45 8.16 4.29
CA SER A 204 15.38 7.04 4.22
C SER A 204 16.36 7.03 5.38
N MET A 205 16.47 8.15 6.08
CA MET A 205 17.38 8.23 7.21
C MET A 205 16.68 8.00 8.55
N LYS A 206 15.47 8.54 8.67
CA LYS A 206 14.74 8.44 9.91
C LYS A 206 13.67 7.38 10.09
N ALA A 207 13.07 6.93 8.99
CA ALA A 207 12.01 5.92 9.06
C ALA A 207 12.53 4.57 9.59
N ARG A 208 11.94 4.11 10.67
CA ARG A 208 12.35 2.85 11.30
C ARG A 208 11.69 1.64 10.67
N THR A 209 12.11 1.33 9.45
CA THR A 209 11.59 0.19 8.73
C THR A 209 12.74 -0.33 7.91
N LYS A 210 12.60 -1.56 7.42
CA LYS A 210 13.65 -2.14 6.62
C LYS A 210 13.64 -1.67 5.18
N LYS A 211 12.45 -1.41 4.66
CA LYS A 211 12.33 -0.98 3.27
C LYS A 211 11.47 0.26 3.06
N VAL A 212 12.02 1.24 2.33
CA VAL A 212 11.27 2.44 2.01
C VAL A 212 11.12 2.53 0.50
N PHE A 213 9.87 2.63 0.04
CA PHE A 213 9.55 2.73 -1.38
C PHE A 213 9.16 4.16 -1.71
N LEU A 214 9.43 4.58 -2.94
CA LEU A 214 9.02 5.91 -3.36
C LEU A 214 7.72 5.80 -4.15
N GLY A 215 6.68 6.45 -3.64
CA GLY A 215 5.37 6.39 -4.28
C GLY A 215 5.11 7.52 -5.27
N PHE A 216 4.79 7.15 -6.51
CA PHE A 216 4.51 8.10 -7.58
C PHE A 216 3.19 7.84 -8.28
N PRO A 217 2.61 8.87 -8.89
CA PRO A 217 1.34 8.62 -9.60
C PRO A 217 1.74 8.10 -10.99
N ALA A 218 1.01 7.13 -11.51
CA ALA A 218 1.32 6.55 -12.81
C ALA A 218 0.97 7.47 -13.98
N HIS A 219 0.17 8.48 -13.69
CA HIS A 219 -0.29 9.37 -14.75
C HIS A 219 -0.63 10.76 -14.20
N PRO A 220 -0.52 11.80 -15.05
CA PRO A 220 -0.82 13.18 -14.66
C PRO A 220 -2.23 13.34 -14.04
N ASP A 221 -3.17 12.54 -14.54
CA ASP A 221 -4.54 12.58 -14.05
C ASP A 221 -4.76 11.83 -12.73
N ALA A 222 -3.87 10.89 -12.44
CA ALA A 222 -4.00 10.05 -11.24
C ALA A 222 -3.88 10.78 -9.91
N ALA A 223 -3.25 11.96 -9.91
CA ALA A 223 -3.07 12.74 -8.69
C ALA A 223 -3.13 14.22 -9.01
N GLY A 224 -3.43 15.02 -8.00
CA GLY A 224 -3.50 16.47 -8.17
C GLY A 224 -2.17 17.08 -8.54
N SER A 225 -1.10 16.61 -7.91
CA SER A 225 0.22 17.12 -8.21
C SER A 225 1.27 16.05 -7.91
N GLY A 226 2.48 16.25 -8.42
CA GLY A 226 3.55 15.32 -8.15
C GLY A 226 3.93 14.34 -9.25
N TYR A 227 3.26 14.39 -10.40
CA TYR A 227 3.63 13.48 -11.48
C TYR A 227 5.03 13.79 -11.99
N MET A 228 5.83 12.75 -12.14
CA MET A 228 7.19 12.86 -12.62
C MET A 228 7.40 11.82 -13.72
N PRO A 229 7.79 12.25 -14.92
CA PRO A 229 8.03 11.35 -16.07
C PRO A 229 9.04 10.23 -15.75
N PRO A 230 8.82 9.03 -16.31
CA PRO A 230 9.69 7.86 -16.10
C PRO A 230 11.17 8.10 -16.41
N GLU A 231 11.44 8.82 -17.49
CA GLU A 231 12.82 9.10 -17.87
C GLU A 231 13.51 9.98 -16.81
N LYS A 232 12.72 10.82 -16.12
CA LYS A 232 13.27 11.67 -15.08
C LYS A 232 13.48 10.91 -13.78
N VAL A 233 12.56 10.01 -13.45
CA VAL A 233 12.68 9.21 -12.24
C VAL A 233 13.95 8.35 -12.28
N LYS A 234 14.21 7.74 -13.44
CA LYS A 234 15.39 6.92 -13.60
C LYS A 234 16.68 7.74 -13.57
N PHE A 235 16.64 8.92 -14.18
CA PHE A 235 17.80 9.77 -14.27
C PHE A 235 18.11 10.56 -12.99
N HIS A 236 17.06 11.05 -12.38
CA HIS A 236 17.09 11.91 -11.21
C HIS A 236 17.18 11.25 -9.85
N VAL A 237 16.22 10.35 -9.66
CA VAL A 237 16.02 9.65 -8.41
C VAL A 237 16.84 8.39 -8.16
N PHE A 238 16.80 7.45 -9.08
CA PHE A 238 17.52 6.21 -8.86
C PHE A 238 19.00 6.29 -8.47
N PRO A 239 19.79 7.18 -9.09
CA PRO A 239 21.20 7.22 -8.68
C PRO A 239 21.40 7.49 -7.18
N ALA A 240 20.66 8.45 -6.65
CA ALA A 240 20.77 8.80 -5.23
C ALA A 240 20.02 7.83 -4.31
N ALA A 241 18.90 7.31 -4.79
CA ALA A 241 18.10 6.39 -4.01
C ALA A 241 18.76 5.02 -3.80
N LYS A 242 19.38 4.49 -4.84
CA LYS A 242 19.99 3.17 -4.70
C LYS A 242 21.26 3.23 -3.83
N LYS A 243 21.62 4.42 -3.38
CA LYS A 243 22.78 4.56 -2.51
C LYS A 243 22.31 4.22 -1.10
N SER A 244 21.01 4.37 -0.86
CA SER A 244 20.46 4.06 0.45
C SER A 244 20.28 2.58 0.66
N TYR A 245 20.59 2.14 1.88
CA TYR A 245 20.49 0.75 2.29
C TYR A 245 19.03 0.37 2.45
N LYS A 246 18.19 1.36 2.67
CA LYS A 246 16.77 1.12 2.86
C LYS A 246 15.95 1.21 1.59
N PHE A 247 16.59 1.44 0.44
CA PHE A 247 15.83 1.56 -0.80
C PHE A 247 15.06 0.29 -1.15
N GLY A 248 13.74 0.44 -1.29
CA GLY A 248 12.90 -0.71 -1.58
C GLY A 248 12.46 -0.91 -3.03
N GLY A 249 12.27 0.19 -3.74
CA GLY A 249 11.81 0.15 -5.11
C GLY A 249 10.79 1.28 -5.21
N ILE A 250 9.81 1.17 -6.09
CA ILE A 250 8.82 2.23 -6.17
C ILE A 250 7.40 1.71 -6.06
N MET A 251 6.50 2.57 -5.56
CA MET A 251 5.09 2.23 -5.44
C MET A 251 4.35 3.09 -6.45
N LEU A 252 3.33 2.52 -7.08
CA LEU A 252 2.58 3.23 -8.10
C LEU A 252 1.08 3.36 -7.82
N TRP A 253 0.60 4.58 -7.87
CA TRP A 253 -0.79 4.86 -7.77
C TRP A 253 -1.24 5.26 -9.18
N ASP A 254 -1.98 4.42 -9.88
CA ASP A 254 -2.43 3.11 -9.46
C ASP A 254 -2.50 2.20 -10.68
N SER A 255 -2.94 0.96 -10.53
CA SER A 255 -3.03 -0.05 -11.61
C SER A 255 -3.83 0.43 -12.82
N TYR A 256 -4.99 1.01 -12.55
CA TYR A 256 -5.87 1.52 -13.59
C TYR A 256 -5.16 2.54 -14.48
N TRP A 257 -4.38 3.44 -13.89
CA TRP A 257 -3.66 4.44 -14.66
C TRP A 257 -2.38 3.93 -15.30
N ASP A 258 -1.74 2.95 -14.65
CA ASP A 258 -0.50 2.38 -15.18
C ASP A 258 -0.80 1.62 -16.48
N THR A 259 -1.98 1.01 -16.54
CA THR A 259 -2.42 0.29 -17.73
C THR A 259 -2.47 1.26 -18.92
N VAL A 260 -2.87 2.51 -18.65
CA VAL A 260 -2.99 3.54 -19.66
C VAL A 260 -1.65 4.19 -20.04
N SER A 261 -0.88 4.57 -19.03
CA SER A 261 0.41 5.24 -19.25
C SER A 261 1.59 4.34 -19.63
N ASN A 262 1.55 3.07 -19.22
CA ASN A 262 2.64 2.09 -19.45
C ASN A 262 3.88 2.58 -18.72
N PHE A 263 3.64 3.24 -17.58
CA PHE A 263 4.70 3.81 -16.74
C PHE A 263 5.68 2.77 -16.19
N SER A 264 5.17 1.64 -15.66
CA SER A 264 6.04 0.59 -15.14
C SER A 264 6.86 -0.09 -16.24
N SER A 265 6.28 -0.22 -17.43
CA SER A 265 6.97 -0.81 -18.56
C SER A 265 8.19 0.04 -18.92
N LYS A 266 8.03 1.35 -18.92
CA LYS A 266 9.14 2.24 -19.24
C LYS A 266 10.25 2.24 -18.18
N ILE A 267 9.86 2.21 -16.91
CA ILE A 267 10.85 2.22 -15.86
C ILE A 267 11.67 0.92 -15.81
N LEU A 268 11.12 -0.17 -16.36
CA LEU A 268 11.84 -1.45 -16.38
C LEU A 268 12.43 -1.76 -17.78
N GLY A 269 11.95 -1.07 -18.80
CA GLY A 269 12.37 -1.34 -20.19
C GLY A 269 11.44 -2.32 -20.88
N GLU A 270 10.18 -2.26 -20.57
CA GLU A 270 9.15 -3.11 -21.14
C GLU A 270 8.82 -4.50 -20.55
N GLY A 271 9.44 -4.99 -19.49
CA GLY A 271 9.18 -6.39 -19.06
C GLY A 271 7.81 -6.77 -18.51
N TRP A 272 7.35 -8.03 -18.52
CA TRP A 272 8.04 -9.30 -18.79
C TRP A 272 9.14 -9.61 -17.77
C2 BGC B . -21.63 -4.15 -2.81
C3 BGC B . -20.79 -5.32 -3.27
C4 BGC B . -21.79 -6.48 -3.62
C5 BGC B . -22.58 -5.95 -4.86
C6 BGC B . -23.47 -6.84 -5.74
C1 BGC B . -22.52 -3.74 -3.99
O1 BGC B . -23.37 -2.62 -3.59
O2 BGC B . -20.82 -3.04 -2.43
O3 BGC B . -19.96 -5.71 -2.18
O4 BGC B . -21.10 -7.55 -4.06
O5 BGC B . -23.36 -4.83 -4.43
O6 BGC B . -24.49 -6.76 -6.62
C2 BGC B . -21.08 -9.70 -4.54
C3 BGC B . -20.90 -11.07 -4.02
C4 BGC B . -19.47 -11.19 -3.36
C5 BGC B . -19.78 -10.40 -2.07
C6 BGC B . -18.80 -10.91 -1.01
C1 BGC B . -21.06 -8.79 -3.39
O2 BGC B . -22.39 -9.75 -5.09
O3 BGC B . -20.87 -11.95 -5.15
O4 BGC B . -19.05 -12.43 -3.15
O5 BGC B . -19.78 -8.91 -2.70
O6 BGC B . -17.90 -11.98 -0.65
P PO4 C . -15.25 -7.88 -11.36
O1 PO4 C . -14.26 -8.33 -10.30
O2 PO4 C . -15.11 -6.41 -11.59
O3 PO4 C . -14.98 -8.62 -12.63
O4 PO4 C . -16.64 -8.19 -10.88
C ACT D . -17.59 -3.71 -3.01
O ACT D . -18.08 -4.52 -3.82
OXT ACT D . -17.59 -3.95 -1.79
CH3 ACT D . -17.01 -2.42 -3.53
#